data_9S6W
#
_entry.id   9S6W
#
_cell.length_a   92.88
_cell.length_b   92.88
_cell.length_c   57.61
_cell.angle_alpha   90
_cell.angle_beta   90
_cell.angle_gamma   120
#
_symmetry.space_group_name_H-M   'P 6'
#
loop_
_entity.id
_entity.type
_entity.pdbx_description
1 polymer 'Gag polyprotein'
2 non-polymer 'IODIDE ION'
3 non-polymer 'CHLORIDE ION'
4 non-polymer BETA-MERCAPTOETHANOL
5 non-polymer 2-(2-{2-[2-(2-METHOXY-ETHOXY)-ETHOXY]-ETHOXY}-ETHOXY)-ETHANOL
6 non-polymer (S)-N-(1-(5-((2-amino-2-oxoethyl)thio)-4-(4-(tert-Butyl)phenyl)-4H-1,2,4-triazol-3-yl)-2-(3,5-difluorophenyl)ethyl)-2-(5-hydroxy-1H-indol-3-yl)acetamide
7 water water
#
_entity_poly.entity_id   1
_entity_poly.type   'polypeptide(L)'
_entity_poly.pdbx_seq_one_letter_code
;PIVQNLQGQMVHQAISPRTLNAWVKVVEEKAFSPEVIPMFSALSEGATPQDLNTMLNTVGGHQAAMQMLKETINEEAAEW
DRLHPVHAGPIAPGQMREPRGSDIAGTTSTLQEQIGWMTHNPPIPVGEIYKRWIILGLNKIVRMYSPTSILDIRQGPKEP
FRDYVDRFYKTLRAEQASQEVKNWMTETLLVQNANPDCKTILKALGPGATLEEMMTACQGVGGPGHKARVL
;
_entity_poly.pdbx_strand_id   A
#
loop_
_chem_comp.id
_chem_comp.type
_chem_comp.name
_chem_comp.formula
1PG non-polymer 2-(2-{2-[2-(2-METHOXY-ETHOXY)-ETHOXY]-ETHOXY}-ETHOXY)-ETHANOL 'C11 H24 O6'
A1JL5 non-polymer (S)-N-(1-(5-((2-amino-2-oxoethyl)thio)-4-(4-(tert-Butyl)phenyl)-4H-1,2,4-triazol-3-yl)-2-(3,5-difluorophenyl)ethyl)-2-(5-hydroxy-1H-indol-3-yl)acetamide 'C31 H31 F2 N5 O2 S'
BME non-polymer BETA-MERCAPTOETHANOL 'C2 H6 O S'
CL non-polymer 'CHLORIDE ION' 'Cl -1'
IOD non-polymer 'IODIDE ION' 'I -1'
#
# COMPACT_ATOMS: atom_id res chain seq x y z
N PRO A 1 -12.57 12.39 -8.57
CA PRO A 1 -12.93 10.97 -8.51
C PRO A 1 -14.28 10.63 -9.18
N ILE A 2 -14.57 9.34 -9.34
CA ILE A 2 -15.82 8.88 -9.94
C ILE A 2 -16.56 7.98 -8.96
N VAL A 3 -17.71 8.42 -8.44
CA VAL A 3 -18.47 7.62 -7.49
C VAL A 3 -19.55 6.77 -8.19
N GLN A 4 -19.43 5.44 -8.10
CA GLN A 4 -20.34 4.49 -8.73
C GLN A 4 -21.73 4.43 -8.09
N ASN A 5 -22.72 3.88 -8.82
CA ASN A 5 -24.08 3.75 -8.33
C ASN A 5 -24.71 2.38 -8.72
N LEU A 6 -25.96 2.12 -8.32
CA LEU A 6 -26.64 0.85 -8.64
C LEU A 6 -27.59 1.03 -9.83
N GLN A 7 -28.55 1.97 -9.74
CA GLN A 7 -29.51 2.22 -10.82
C GLN A 7 -29.27 3.57 -11.50
N GLY A 8 -28.75 3.52 -12.72
CA GLY A 8 -28.45 4.73 -13.48
C GLY A 8 -27.00 4.80 -13.94
N GLN A 9 -26.35 5.95 -13.72
CA GLN A 9 -24.95 6.14 -14.11
C GLN A 9 -24.17 7.01 -13.11
N MET A 10 -22.84 6.81 -13.05
CA MET A 10 -21.92 7.50 -12.15
C MET A 10 -21.70 8.99 -12.46
N VAL A 11 -20.95 9.71 -11.59
CA VAL A 11 -20.64 11.13 -11.78
C VAL A 11 -19.13 11.37 -11.59
N HIS A 12 -18.59 12.39 -12.25
CA HIS A 12 -17.17 12.72 -12.11
C HIS A 12 -16.98 14.04 -11.35
N GLN A 13 -16.47 13.98 -10.13
CA GLN A 13 -16.22 15.17 -9.33
C GLN A 13 -14.72 15.39 -9.05
N ALA A 14 -14.40 16.55 -8.46
CA ALA A 14 -13.04 16.96 -8.10
C ALA A 14 -12.63 16.40 -6.73
N ILE A 15 -11.31 16.36 -6.44
CA ILE A 15 -10.84 15.91 -5.14
C ILE A 15 -11.18 17.00 -4.15
N SER A 16 -12.06 16.69 -3.19
CA SER A 16 -12.52 17.66 -2.19
C SER A 16 -11.39 18.34 -1.43
N PRO A 17 -11.56 19.64 -1.10
CA PRO A 17 -10.52 20.36 -0.35
C PRO A 17 -10.02 19.66 0.92
N ARG A 18 -10.91 18.94 1.62
CA ARG A 18 -10.50 18.26 2.84
C ARG A 18 -9.72 16.97 2.56
N THR A 19 -9.92 16.35 1.38
CA THR A 19 -9.15 15.16 1.00
C THR A 19 -7.72 15.56 0.73
N LEU A 20 -7.51 16.69 0.01
CA LEU A 20 -6.21 17.25 -0.32
C LEU A 20 -5.50 17.63 0.96
N ASN A 21 -6.21 18.29 1.89
CA ASN A 21 -5.66 18.73 3.16
C ASN A 21 -5.25 17.55 4.04
N ALA A 22 -6.11 16.53 4.16
CA ALA A 22 -5.80 15.38 4.99
C ALA A 22 -4.57 14.64 4.46
N TRP A 23 -4.46 14.51 3.13
CA TRP A 23 -3.30 13.86 2.54
C TRP A 23 -2.00 14.63 2.82
N VAL A 24 -2.01 15.97 2.70
CA VAL A 24 -0.82 16.78 2.99
C VAL A 24 -0.47 16.66 4.46
N LYS A 25 -1.48 16.73 5.34
CA LYS A 25 -1.23 16.63 6.77
C LYS A 25 -0.66 15.29 7.19
N VAL A 26 -1.20 14.15 6.72
CA VAL A 26 -0.66 12.85 7.13
C VAL A 26 0.79 12.65 6.69
N VAL A 27 1.22 13.30 5.59
CA VAL A 27 2.60 13.20 5.13
C VAL A 27 3.52 14.06 6.02
N GLU A 28 3.07 15.26 6.41
CA GLU A 28 3.85 16.12 7.30
C GLU A 28 4.00 15.44 8.67
N GLU A 29 2.90 14.87 9.18
CA GLU A 29 2.84 14.21 10.48
C GLU A 29 3.52 12.84 10.56
N LYS A 30 3.22 11.91 9.65
CA LYS A 30 3.72 10.54 9.75
C LYS A 30 4.74 10.12 8.69
N ALA A 31 4.94 10.94 7.65
CA ALA A 31 5.87 10.71 6.55
C ALA A 31 5.69 9.27 5.89
N PHE A 32 6.52 8.23 6.16
CA PHE A 32 6.37 6.93 5.50
C PHE A 32 6.18 5.78 6.45
N SER A 33 5.26 5.96 7.39
CA SER A 33 4.88 4.92 8.33
C SER A 33 3.95 3.96 7.58
N PRO A 34 3.94 2.66 7.92
CA PRO A 34 3.04 1.73 7.18
C PRO A 34 1.56 2.12 7.11
N GLU A 35 1.03 2.83 8.12
CA GLU A 35 -0.38 3.24 8.13
C GLU A 35 -0.70 4.43 7.19
N VAL A 36 0.31 5.05 6.57
CA VAL A 36 0.08 6.14 5.64
C VAL A 36 -0.47 5.58 4.30
N ILE A 37 0.00 4.38 3.88
CA ILE A 37 -0.46 3.73 2.66
C ILE A 37 -1.98 3.49 2.65
N PRO A 38 -2.59 2.89 3.70
CA PRO A 38 -4.06 2.75 3.72
C PRO A 38 -4.78 4.09 3.74
N MET A 39 -4.17 5.12 4.35
CA MET A 39 -4.77 6.45 4.36
C MET A 39 -4.80 7.01 2.95
N PHE A 40 -3.72 6.82 2.18
CA PHE A 40 -3.66 7.23 0.78
C PHE A 40 -4.71 6.47 -0.03
N SER A 41 -4.79 5.13 0.13
CA SER A 41 -5.74 4.26 -0.55
C SER A 41 -7.18 4.67 -0.32
N ALA A 42 -7.51 5.11 0.90
CA ALA A 42 -8.87 5.52 1.23
C ALA A 42 -9.16 6.94 0.79
N LEU A 43 -8.15 7.82 0.81
CA LEU A 43 -8.32 9.19 0.32
C LEU A 43 -8.35 9.22 -1.23
N SER A 44 -7.84 8.18 -1.91
CA SER A 44 -7.84 8.09 -3.36
C SER A 44 -8.84 7.04 -3.87
N GLU A 45 -9.93 6.81 -3.12
CA GLU A 45 -10.96 5.85 -3.54
C GLU A 45 -11.69 6.43 -4.78
N GLY A 46 -11.74 5.65 -5.86
CA GLY A 46 -12.37 6.03 -7.12
C GLY A 46 -11.61 7.08 -7.92
N ALA A 47 -10.29 7.18 -7.68
CA ALA A 47 -9.49 8.19 -8.36
C ALA A 47 -9.06 7.82 -9.77
N THR A 48 -8.94 8.84 -10.61
CA THR A 48 -8.46 8.71 -11.99
C THR A 48 -6.95 8.97 -11.97
N PRO A 49 -6.20 8.59 -13.01
CA PRO A 49 -4.73 8.89 -13.03
C PRO A 49 -4.38 10.34 -12.68
N GLN A 50 -5.12 11.32 -13.21
CA GLN A 50 -4.94 12.74 -12.91
C GLN A 50 -5.14 13.02 -11.40
N ASP A 51 -6.17 12.43 -10.78
CA ASP A 51 -6.43 12.60 -9.36
C ASP A 51 -5.31 11.99 -8.50
N LEU A 52 -4.74 10.87 -8.92
CA LEU A 52 -3.63 10.23 -8.20
C LEU A 52 -2.34 11.04 -8.34
N ASN A 53 -2.09 11.60 -9.54
CA ASN A 53 -0.90 12.42 -9.77
C ASN A 53 -0.99 13.71 -8.97
N THR A 54 -2.19 14.27 -8.83
CA THR A 54 -2.47 15.45 -8.05
C THR A 54 -2.08 15.23 -6.60
N MET A 55 -2.40 14.06 -6.05
CA MET A 55 -2.06 13.73 -4.67
C MET A 55 -0.55 13.66 -4.41
N LEU A 56 0.20 13.00 -5.29
CA LEU A 56 1.65 12.88 -5.12
C LEU A 56 2.38 14.23 -5.31
N ASN A 57 1.81 15.09 -6.15
CA ASN A 57 2.35 16.41 -6.41
C ASN A 57 2.24 17.36 -5.22
N THR A 58 1.23 17.16 -4.36
CA THR A 58 1.06 17.98 -3.18
C THR A 58 2.08 17.69 -2.07
N VAL A 59 2.96 16.70 -2.24
CA VAL A 59 3.96 16.35 -1.26
C VAL A 59 5.16 17.32 -1.34
N GLY A 60 5.39 18.05 -0.27
CA GLY A 60 6.56 18.92 -0.14
C GLY A 60 7.64 18.10 0.52
N GLY A 61 8.85 18.18 0.01
CA GLY A 61 9.93 17.36 0.53
C GLY A 61 9.71 15.89 0.22
N HIS A 62 10.43 14.98 0.92
CA HIS A 62 10.37 13.54 0.65
C HIS A 62 10.65 13.25 -0.84
N GLN A 63 11.56 14.03 -1.45
CA GLN A 63 11.80 13.95 -2.88
C GLN A 63 12.60 12.72 -3.30
N ALA A 64 13.43 12.14 -2.42
CA ALA A 64 14.13 10.89 -2.76
C ALA A 64 13.09 9.77 -2.90
N ALA A 65 12.08 9.75 -2.02
CA ALA A 65 11.03 8.73 -2.07
C ALA A 65 10.14 8.96 -3.29
N MET A 66 9.83 10.23 -3.62
CA MET A 66 9.05 10.53 -4.81
C MET A 66 9.77 10.11 -6.11
N GLN A 67 11.11 10.27 -6.16
CA GLN A 67 11.84 9.81 -7.34
C GLN A 67 11.85 8.28 -7.43
N MET A 68 12.09 7.59 -6.30
CA MET A 68 12.02 6.12 -6.23
C MET A 68 10.62 5.62 -6.67
N LEU A 69 9.58 6.37 -6.34
CA LEU A 69 8.20 6.06 -6.68
C LEU A 69 7.97 6.18 -8.21
N LYS A 70 8.62 7.14 -8.87
CA LYS A 70 8.55 7.30 -10.32
C LYS A 70 9.24 6.11 -11.02
N GLU A 71 10.41 5.70 -10.51
CA GLU A 71 11.13 4.57 -11.08
C GLU A 71 10.33 3.27 -10.96
N THR A 72 9.57 3.11 -9.86
CA THR A 72 8.71 1.93 -9.71
C THR A 72 7.57 1.99 -10.73
N ILE A 73 6.96 3.18 -10.92
CA ILE A 73 5.89 3.37 -11.89
C ILE A 73 6.39 3.03 -13.31
N ASN A 74 7.63 3.42 -13.63
CA ASN A 74 8.27 3.15 -14.92
C ASN A 74 8.35 1.65 -15.18
N GLU A 75 8.76 0.88 -14.16
CA GLU A 75 8.89 -0.57 -14.24
C GLU A 75 7.56 -1.24 -14.46
N GLU A 76 6.52 -0.80 -13.75
CA GLU A 76 5.18 -1.38 -13.90
C GLU A 76 4.54 -1.00 -15.24
N ALA A 77 4.87 0.19 -15.78
CA ALA A 77 4.33 0.64 -17.06
C ALA A 77 5.00 -0.12 -18.21
N ALA A 78 6.33 -0.36 -18.10
CA ALA A 78 7.08 -1.13 -19.10
C ALA A 78 6.71 -2.62 -19.05
N GLU A 79 6.26 -3.13 -17.89
CA GLU A 79 5.80 -4.50 -17.78
C GLU A 79 4.41 -4.58 -18.44
N TRP A 80 3.53 -3.58 -18.20
CA TRP A 80 2.22 -3.49 -18.84
C TRP A 80 2.37 -3.47 -20.36
N ASP A 81 3.31 -2.68 -20.90
CA ASP A 81 3.51 -2.58 -22.35
C ASP A 81 3.99 -3.87 -23.00
N ARG A 82 4.65 -4.74 -22.23
CA ARG A 82 5.16 -6.02 -22.68
C ARG A 82 4.00 -7.04 -22.73
N LEU A 83 3.14 -7.02 -21.71
CA LEU A 83 1.99 -7.91 -21.61
C LEU A 83 0.85 -7.49 -22.52
N HIS A 84 0.67 -6.19 -22.71
CA HIS A 84 -0.40 -5.62 -23.52
C HIS A 84 0.20 -4.82 -24.68
N PRO A 85 0.60 -5.48 -25.79
CA PRO A 85 1.13 -4.72 -26.93
C PRO A 85 -0.01 -4.12 -27.74
N VAL A 86 -0.05 -2.79 -27.87
CA VAL A 86 -1.09 -2.10 -28.63
C VAL A 86 -1.03 -2.45 -30.13
N HIS A 87 -2.16 -2.36 -30.82
CA HIS A 87 -2.22 -2.69 -32.23
C HIS A 87 -2.37 -1.47 -33.13
N ALA A 88 -1.67 -1.48 -34.26
CA ALA A 88 -1.71 -0.37 -35.21
C ALA A 88 -3.01 -0.40 -36.02
N GLY A 89 -3.70 0.73 -36.06
CA GLY A 89 -4.96 0.87 -36.79
C GLY A 89 -5.78 2.04 -36.32
N PRO A 90 -6.62 2.62 -37.20
CA PRO A 90 -7.44 3.75 -36.78
C PRO A 90 -8.56 3.30 -35.86
N ILE A 91 -8.77 4.03 -34.75
CA ILE A 91 -9.80 3.66 -33.78
C ILE A 91 -11.20 3.93 -34.33
N ALA A 92 -12.04 2.88 -34.35
CA ALA A 92 -13.40 2.94 -34.86
C ALA A 92 -14.35 3.76 -33.97
N PRO A 93 -15.40 4.37 -34.53
CA PRO A 93 -16.34 5.14 -33.69
C PRO A 93 -17.11 4.22 -32.75
N GLY A 94 -17.31 4.69 -31.52
CA GLY A 94 -17.98 3.91 -30.49
C GLY A 94 -16.95 3.28 -29.57
N GLN A 95 -16.02 2.52 -30.16
CA GLN A 95 -14.93 1.89 -29.42
C GLN A 95 -13.85 2.93 -29.02
N MET A 96 -12.92 2.53 -28.15
CA MET A 96 -11.82 3.40 -27.75
C MET A 96 -10.49 2.64 -27.74
N ARG A 97 -9.36 3.36 -27.86
N ARG A 97 -9.37 3.36 -27.86
CA ARG A 97 -8.05 2.75 -27.91
CA ARG A 97 -8.02 2.81 -27.89
C ARG A 97 -7.69 2.03 -26.61
C ARG A 97 -7.65 2.07 -26.61
N GLU A 98 -6.90 0.97 -26.72
CA GLU A 98 -6.46 0.22 -25.55
C GLU A 98 -5.29 0.98 -24.92
N PRO A 99 -5.28 1.10 -23.58
CA PRO A 99 -4.24 1.91 -22.94
C PRO A 99 -2.85 1.30 -22.82
N ARG A 100 -1.86 2.19 -22.93
CA ARG A 100 -0.44 1.94 -22.74
C ARG A 100 -0.09 2.32 -21.27
N GLY A 101 1.12 2.00 -20.83
CA GLY A 101 1.56 2.34 -19.48
C GLY A 101 1.61 3.82 -19.21
N SER A 102 1.93 4.61 -20.25
CA SER A 102 2.00 6.07 -20.14
C SER A 102 0.59 6.73 -20.08
N ASP A 103 -0.45 6.00 -20.51
CA ASP A 103 -1.84 6.43 -20.45
C ASP A 103 -2.39 6.11 -19.07
N ILE A 104 -1.99 4.98 -18.48
CA ILE A 104 -2.37 4.56 -17.13
C ILE A 104 -1.75 5.51 -16.11
N ALA A 105 -0.49 5.91 -16.33
CA ALA A 105 0.18 6.87 -15.43
C ALA A 105 -0.27 8.32 -15.62
N GLY A 106 -1.10 8.60 -16.63
CA GLY A 106 -1.63 9.93 -16.91
C GLY A 106 -0.77 10.84 -17.76
N THR A 107 0.42 10.38 -18.18
CA THR A 107 1.32 11.23 -18.97
C THR A 107 0.90 11.46 -20.43
N THR A 108 0.53 10.40 -21.15
CA THR A 108 0.16 10.52 -22.57
C THR A 108 -1.36 10.33 -22.80
N SER A 109 -2.18 10.62 -21.78
CA SER A 109 -3.63 10.54 -21.91
C SER A 109 -4.32 11.78 -21.31
N THR A 110 -5.56 12.03 -21.70
CA THR A 110 -6.35 13.16 -21.19
C THR A 110 -7.32 12.68 -20.10
N LEU A 111 -7.89 13.60 -19.31
CA LEU A 111 -8.87 13.24 -18.28
C LEU A 111 -10.10 12.57 -18.90
N GLN A 112 -10.53 13.06 -20.07
CA GLN A 112 -11.68 12.54 -20.81
C GLN A 112 -11.45 11.08 -21.24
N GLU A 113 -10.20 10.75 -21.65
CA GLU A 113 -9.83 9.39 -22.03
C GLU A 113 -9.82 8.46 -20.82
N GLN A 114 -9.37 8.97 -19.65
CA GLN A 114 -9.33 8.24 -18.40
C GLN A 114 -10.74 7.94 -17.92
N ILE A 115 -11.64 8.93 -18.01
CA ILE A 115 -13.04 8.77 -17.64
C ILE A 115 -13.71 7.77 -18.58
N GLY A 116 -13.42 7.90 -19.88
CA GLY A 116 -13.94 7.00 -20.90
C GLY A 116 -13.47 5.57 -20.74
N TRP A 117 -12.24 5.36 -20.24
CA TRP A 117 -11.68 4.02 -20.01
C TRP A 117 -12.36 3.37 -18.81
N MET A 118 -12.48 4.11 -17.70
CA MET A 118 -13.10 3.61 -16.47
C MET A 118 -14.62 3.42 -16.61
N THR A 119 -15.26 4.22 -17.48
CA THR A 119 -16.69 4.13 -17.76
C THR A 119 -16.86 3.55 -19.15
N HIS A 120 -17.12 2.24 -19.22
CA HIS A 120 -17.28 1.55 -20.49
C HIS A 120 -18.12 0.28 -20.30
N ASN A 121 -18.65 -0.33 -21.39
CA ASN A 121 -19.39 -1.60 -21.30
C ASN A 121 -18.41 -2.66 -20.76
N PRO A 122 -17.25 -2.92 -21.41
CA PRO A 122 -16.20 -3.71 -20.75
C PRO A 122 -15.28 -2.67 -20.09
N PRO A 123 -15.31 -2.50 -18.75
CA PRO A 123 -14.50 -1.44 -18.13
C PRO A 123 -12.98 -1.66 -18.13
N ILE A 124 -12.25 -0.56 -18.31
CA ILE A 124 -10.78 -0.56 -18.30
C ILE A 124 -10.42 0.26 -17.06
N PRO A 125 -10.16 -0.39 -15.93
CA PRO A 125 -9.91 0.36 -14.69
C PRO A 125 -8.51 0.96 -14.56
N VAL A 126 -8.18 1.96 -15.40
CA VAL A 126 -6.86 2.59 -15.38
C VAL A 126 -6.53 3.26 -14.04
N GLY A 127 -7.56 3.76 -13.35
CA GLY A 127 -7.39 4.38 -12.04
C GLY A 127 -6.92 3.40 -10.99
N GLU A 128 -7.47 2.17 -11.05
N GLU A 128 -7.46 2.17 -11.05
CA GLU A 128 -7.13 1.09 -10.13
CA GLU A 128 -7.10 1.11 -10.10
C GLU A 128 -5.76 0.51 -10.42
C GLU A 128 -5.75 0.50 -10.41
N ILE A 129 -5.38 0.45 -11.70
CA ILE A 129 -4.11 -0.11 -12.14
C ILE A 129 -2.98 0.82 -11.71
N TYR A 130 -3.11 2.12 -11.98
CA TYR A 130 -2.12 3.11 -11.57
C TYR A 130 -1.98 3.15 -10.04
N LYS A 131 -3.10 3.07 -9.31
CA LYS A 131 -3.11 3.05 -7.85
C LYS A 131 -2.35 1.84 -7.29
N ARG A 132 -2.48 0.68 -7.96
CA ARG A 132 -1.77 -0.55 -7.58
C ARG A 132 -0.26 -0.33 -7.73
N TRP A 133 0.15 0.29 -8.85
CA TRP A 133 1.54 0.62 -9.12
C TRP A 133 2.10 1.60 -8.07
N ILE A 134 1.29 2.59 -7.66
CA ILE A 134 1.70 3.57 -6.66
C ILE A 134 1.88 2.90 -5.31
N ILE A 135 0.91 2.06 -4.90
CA ILE A 135 0.98 1.39 -3.62
C ILE A 135 2.18 0.44 -3.56
N LEU A 136 2.55 -0.18 -4.70
CA LEU A 136 3.75 -1.01 -4.81
C LEU A 136 5.01 -0.17 -4.46
N GLY A 137 5.13 1.01 -5.08
CA GLY A 137 6.23 1.93 -4.83
C GLY A 137 6.26 2.45 -3.41
N LEU A 138 5.06 2.73 -2.84
CA LEU A 138 4.90 3.18 -1.45
C LEU A 138 5.32 2.09 -0.46
N ASN A 139 5.03 0.82 -0.74
CA ASN A 139 5.46 -0.28 0.15
C ASN A 139 6.97 -0.44 0.12
N LYS A 140 7.62 -0.17 -1.04
CA LYS A 140 9.06 -0.20 -1.17
C LYS A 140 9.68 0.93 -0.36
N ILE A 141 9.04 2.11 -0.37
CA ILE A 141 9.48 3.30 0.35
C ILE A 141 9.37 3.02 1.84
N VAL A 142 8.27 2.43 2.28
CA VAL A 142 8.07 2.07 3.69
C VAL A 142 9.14 1.06 4.15
N ARG A 143 9.42 0.04 3.33
CA ARG A 143 10.43 -0.96 3.69
C ARG A 143 11.85 -0.36 3.71
N MET A 144 12.12 0.56 2.79
CA MET A 144 13.40 1.26 2.67
C MET A 144 13.61 2.25 3.84
N TYR A 145 12.53 2.82 4.37
CA TYR A 145 12.63 3.81 5.45
C TYR A 145 12.51 3.21 6.86
N SER A 146 12.27 1.89 6.98
CA SER A 146 12.22 1.21 8.28
C SER A 146 13.66 1.09 8.79
N PRO A 147 13.93 1.54 10.02
CA PRO A 147 15.32 1.49 10.52
C PRO A 147 15.66 0.28 11.37
N THR A 148 14.82 -0.78 11.35
CA THR A 148 15.04 -1.94 12.19
C THR A 148 14.67 -3.26 11.50
N SER A 149 15.14 -4.39 12.05
CA SER A 149 14.86 -5.73 11.57
C SER A 149 14.08 -6.51 12.62
N ILE A 150 13.19 -7.43 12.17
CA ILE A 150 12.42 -8.29 13.09
C ILE A 150 13.35 -9.22 13.92
N LEU A 151 14.58 -9.46 13.43
CA LEU A 151 15.57 -10.28 14.11
C LEU A 151 16.13 -9.61 15.36
N ASP A 152 16.16 -8.27 15.39
CA ASP A 152 16.69 -7.53 16.54
C ASP A 152 15.66 -7.28 17.65
N ILE A 153 14.40 -7.70 17.46
CA ILE A 153 13.34 -7.46 18.44
C ILE A 153 13.33 -8.47 19.59
N ARG A 154 13.97 -8.09 20.70
CA ARG A 154 14.07 -8.92 21.90
C ARG A 154 13.33 -8.26 23.04
N GLN A 155 12.76 -9.06 23.94
CA GLN A 155 12.05 -8.53 25.08
C GLN A 155 12.99 -8.11 26.18
N GLY A 156 12.74 -6.95 26.78
CA GLY A 156 13.52 -6.44 27.89
C GLY A 156 13.35 -7.28 29.13
N PRO A 157 14.32 -7.24 30.06
CA PRO A 157 14.22 -8.09 31.27
C PRO A 157 13.07 -7.73 32.20
N LYS A 158 12.66 -6.45 32.20
CA LYS A 158 11.55 -5.95 33.03
C LYS A 158 10.38 -5.39 32.18
N GLU A 159 10.43 -5.56 30.84
CA GLU A 159 9.45 -5.04 29.91
C GLU A 159 8.23 -5.94 29.86
N PRO A 160 7.02 -5.36 30.03
CA PRO A 160 5.80 -6.18 29.96
C PRO A 160 5.65 -6.81 28.59
N PHE A 161 5.20 -8.07 28.54
CA PHE A 161 5.03 -8.86 27.31
C PHE A 161 4.21 -8.13 26.27
N ARG A 162 3.16 -7.42 26.70
CA ARG A 162 2.28 -6.65 25.81
C ARG A 162 3.06 -5.58 25.02
N ASP A 163 4.05 -4.94 25.67
CA ASP A 163 4.89 -3.91 25.04
C ASP A 163 5.87 -4.53 24.02
N TYR A 164 6.34 -5.75 24.30
CA TYR A 164 7.25 -6.46 23.42
C TYR A 164 6.48 -6.95 22.18
N VAL A 165 5.25 -7.50 22.36
CA VAL A 165 4.42 -7.92 21.24
C VAL A 165 4.05 -6.70 20.36
N ASP A 166 3.75 -5.53 20.96
CA ASP A 166 3.47 -4.29 20.19
C ASP A 166 4.68 -3.92 19.30
N ARG A 167 5.90 -3.97 19.86
CA ARG A 167 7.11 -3.66 19.08
C ARG A 167 7.43 -4.77 18.06
N PHE A 168 7.05 -6.02 18.36
CA PHE A 168 7.29 -7.13 17.45
C PHE A 168 6.49 -6.97 16.15
N TYR A 169 5.16 -6.82 16.27
CA TYR A 169 4.29 -6.77 15.10
C TYR A 169 4.38 -5.47 14.31
N LYS A 170 4.84 -4.37 14.93
CA LYS A 170 5.04 -3.12 14.19
C LYS A 170 6.27 -3.28 13.26
N THR A 171 7.31 -3.89 13.78
CA THR A 171 8.56 -4.15 13.07
C THR A 171 8.35 -5.16 11.91
N LEU A 172 7.50 -6.18 12.14
CA LEU A 172 7.16 -7.20 11.15
C LEU A 172 6.38 -6.58 9.97
N ARG A 173 5.54 -5.57 10.25
CA ARG A 173 4.69 -4.88 9.26
C ARG A 173 5.47 -4.25 8.15
N ALA A 174 6.64 -3.71 8.48
CA ALA A 174 7.56 -3.08 7.53
C ALA A 174 8.58 -4.05 6.95
N GLU A 175 8.48 -5.36 7.24
CA GLU A 175 9.42 -6.36 6.71
C GLU A 175 9.07 -6.70 5.29
N GLN A 176 10.12 -6.81 4.47
CA GLN A 176 10.05 -7.18 3.07
C GLN A 176 10.09 -8.69 3.03
N ALA A 177 8.92 -9.31 3.11
CA ALA A 177 8.82 -10.77 3.10
C ALA A 177 7.41 -11.18 2.75
N SER A 178 7.27 -12.33 2.08
CA SER A 178 5.96 -12.87 1.73
C SER A 178 5.24 -13.33 3.00
N GLN A 179 3.92 -13.55 2.90
CA GLN A 179 3.14 -13.98 4.06
C GLN A 179 3.66 -15.27 4.70
N GLU A 180 4.15 -16.22 3.88
CA GLU A 180 4.69 -17.47 4.40
C GLU A 180 5.94 -17.23 5.25
N VAL A 181 6.78 -16.28 4.86
CA VAL A 181 7.98 -15.96 5.62
C VAL A 181 7.58 -15.31 6.94
N LYS A 182 6.60 -14.39 6.89
CA LYS A 182 6.10 -13.70 8.07
C LYS A 182 5.47 -14.66 9.07
N ASN A 183 4.77 -15.70 8.61
CA ASN A 183 4.21 -16.72 9.51
C ASN A 183 5.32 -17.48 10.22
N TRP A 184 6.45 -17.72 9.53
CA TRP A 184 7.59 -18.38 10.16
C TRP A 184 8.24 -17.47 11.23
N MET A 185 8.22 -16.15 11.03
CA MET A 185 8.75 -15.20 12.00
C MET A 185 7.79 -15.14 13.21
N THR A 186 6.48 -15.14 12.95
CA THR A 186 5.39 -15.10 13.92
C THR A 186 5.39 -16.34 14.83
N GLU A 187 5.62 -17.53 14.24
CA GLU A 187 5.64 -18.80 14.96
C GLU A 187 7.01 -19.21 15.50
N THR A 188 8.08 -18.46 15.19
CA THR A 188 9.41 -18.80 15.67
C THR A 188 10.05 -17.71 16.51
N LEU A 189 10.16 -16.48 16.01
CA LEU A 189 10.87 -15.41 16.72
C LEU A 189 10.17 -14.82 17.94
N LEU A 190 8.83 -14.81 17.99
CA LEU A 190 8.13 -14.23 19.13
C LEU A 190 8.50 -14.90 20.46
N VAL A 191 8.42 -16.22 20.52
CA VAL A 191 8.76 -16.99 21.71
C VAL A 191 10.29 -17.05 21.88
N GLN A 192 11.02 -17.29 20.78
CA GLN A 192 12.49 -17.38 20.78
C GLN A 192 13.18 -16.12 21.28
N ASN A 193 12.57 -14.94 21.06
CA ASN A 193 13.19 -13.69 21.51
C ASN A 193 12.56 -13.10 22.78
N ALA A 194 11.63 -13.82 23.43
CA ALA A 194 11.05 -13.36 24.69
C ALA A 194 12.09 -13.50 25.82
N ASN A 195 11.94 -12.74 26.92
CA ASN A 195 12.92 -12.80 28.01
C ASN A 195 12.91 -14.18 28.68
N PRO A 196 14.02 -14.64 29.30
CA PRO A 196 14.04 -15.99 29.89
C PRO A 196 12.84 -16.38 30.75
N ASP A 197 12.30 -15.44 31.55
CA ASP A 197 11.15 -15.72 32.42
C ASP A 197 9.87 -15.96 31.62
N CYS A 198 9.71 -15.24 30.50
CA CYS A 198 8.54 -15.39 29.64
C CYS A 198 8.68 -16.60 28.73
N LYS A 199 9.86 -16.73 28.09
CA LYS A 199 10.23 -17.79 27.17
C LYS A 199 9.91 -19.17 27.71
N THR A 200 10.19 -19.42 28.99
CA THR A 200 9.93 -20.72 29.63
C THR A 200 8.41 -21.00 29.71
N ILE A 201 7.64 -19.98 30.13
CA ILE A 201 6.19 -20.07 30.24
C ILE A 201 5.54 -20.31 28.87
N LEU A 202 5.95 -19.56 27.85
CA LEU A 202 5.43 -19.71 26.48
C LEU A 202 5.78 -21.09 25.92
N LYS A 203 6.98 -21.60 26.23
CA LYS A 203 7.40 -22.92 25.76
C LYS A 203 6.62 -24.06 26.42
N ALA A 204 6.06 -23.83 27.62
CA ALA A 204 5.25 -24.84 28.29
C ALA A 204 3.86 -24.91 27.65
N LEU A 205 3.31 -23.77 27.17
CA LEU A 205 2.00 -23.68 26.51
C LEU A 205 1.94 -24.56 25.26
N GLY A 206 3.04 -24.64 24.53
CA GLY A 206 3.15 -25.50 23.36
C GLY A 206 2.92 -24.87 22.01
N PRO A 207 2.54 -25.71 21.03
CA PRO A 207 2.35 -25.20 19.66
C PRO A 207 0.96 -24.62 19.34
N GLY A 208 -0.07 -25.03 20.07
CA GLY A 208 -1.42 -24.53 19.81
C GLY A 208 -1.84 -23.28 20.56
N ALA A 209 -0.88 -22.62 21.23
CA ALA A 209 -1.18 -21.42 22.01
C ALA A 209 -1.49 -20.19 21.16
N THR A 210 -2.63 -19.55 21.42
CA THR A 210 -2.98 -18.32 20.70
C THR A 210 -2.20 -17.12 21.28
N LEU A 211 -2.21 -15.96 20.59
CA LEU A 211 -1.56 -14.76 21.12
C LEU A 211 -2.28 -14.31 22.40
N GLU A 212 -3.61 -14.42 22.44
CA GLU A 212 -4.42 -14.10 23.63
C GLU A 212 -3.99 -14.91 24.86
N GLU A 213 -3.84 -16.24 24.70
CA GLU A 213 -3.40 -17.12 25.78
C GLU A 213 -1.96 -16.83 26.20
N MET A 214 -1.08 -16.53 25.22
CA MET A 214 0.31 -16.18 25.49
C MET A 214 0.41 -14.89 26.29
N MET A 215 -0.41 -13.88 25.94
CA MET A 215 -0.46 -12.58 26.62
C MET A 215 -1.04 -12.72 28.04
N THR A 216 -2.02 -13.62 28.21
CA THR A 216 -2.62 -13.89 29.51
C THR A 216 -1.60 -14.58 30.43
N ALA A 217 -0.80 -15.51 29.86
CA ALA A 217 0.22 -16.24 30.62
C ALA A 217 1.39 -15.39 31.10
N CYS A 218 1.83 -14.41 30.30
CA CYS A 218 2.96 -13.56 30.70
C CYS A 218 2.55 -12.25 31.38
N GLN A 219 1.42 -12.24 32.10
CA GLN A 219 0.93 -11.04 32.79
C GLN A 219 1.79 -10.69 34.02
N GLY A 220 2.20 -11.69 34.78
CA GLY A 220 3.02 -11.46 35.96
C GLY A 220 4.52 -11.57 35.66
N VAL A 221 4.92 -11.22 34.42
CA VAL A 221 6.29 -11.27 33.92
C VAL A 221 6.85 -12.70 33.91
I IOD B . 2.59 0.34 12.63
I IOD C . 13.50 -3.41 30.06
CL CL D . -2.13 -8.14 28.41
CL CL E . -9.74 22.10 3.98
CL CL F . 1.81 -7.47 29.43
CL CL G . 7.16 -9.65 -0.69
C1 BME H . -0.82 -1.53 1.63
C2 BME H . -1.88 -0.69 2.41
O1 BME H . 0.37 -1.51 2.43
S2 BME H . -3.33 -0.55 1.32
C2 1PG I . 9.48 0.18 17.84
C1 1PG I . 7.56 0.91 19.01
O1 1PG I . 8.08 0.05 18.04
O2 1PG I . 11.05 -1.51 18.48
C3 1PG I . 9.98 -1.27 17.59
C4 1PG I . 12.32 -1.37 17.85
C5 1PG I . 13.38 -1.98 18.80
O3 1PG I . 14.55 -2.19 18.03
C6 1PG I . 15.63 -2.73 18.79
C7 1PG I . 16.84 -2.86 17.81
O4 1PG I . 17.74 -3.80 18.39
C10 A1JL5 J . 11.01 17.39 -11.18
C12 A1JL5 J . 11.76 17.05 -10.05
C02 A1JL5 J . 6.05 15.27 -11.23
C03 A1JL5 J . 6.46 16.69 -10.61
C04 A1JL5 J . 7.64 16.52 -9.65
C05 A1JL5 J . 7.61 16.08 -8.32
C07 A1JL5 J . 9.73 16.50 -8.87
C08 A1JL5 J . 9.00 16.75 -10.01
C09 A1JL5 J . 9.63 17.18 -11.18
C13 A1JL5 J . 11.14 16.65 -8.90
C15 A1JL5 J . 4.15 13.60 -11.55
C16 A1JL5 J . 3.13 13.90 -12.62
C19 A1JL5 J . 1.88 13.72 -14.44
C21 A1JL5 J . 0.53 14.72 -16.81
C23 A1JL5 J . 3.82 11.97 -14.08
C24 A1JL5 J . 5.08 12.25 -14.64
C25 A1JL5 J . 5.95 11.22 -14.92
C26 A1JL5 J . 5.56 9.90 -14.65
C27 A1JL5 J . 6.53 8.70 -14.93
C28 A1JL5 J . 5.83 7.63 -15.72
C29 A1JL5 J . 6.89 8.14 -13.51
C30 A1JL5 J . 7.82 9.14 -15.63
C31 A1JL5 J . 4.31 9.63 -14.04
C32 A1JL5 J . 3.45 10.66 -13.76
C33 A1JL5 J . 3.40 12.90 -10.40
C34 A1JL5 J . 4.36 12.27 -9.39
C35 A1JL5 J . 4.91 13.02 -8.40
C36 A1JL5 J . 5.82 12.49 -7.52
C38 A1JL5 J . 6.16 11.17 -7.65
C39 A1JL5 J . 5.61 10.41 -8.65
C41 A1JL5 J . 4.75 10.98 -9.55
F37 A1JL5 J . 6.35 13.25 -6.49
F40 A1JL5 J . 5.95 9.11 -8.76
N06 A1JL5 J . 8.86 16.11 -7.87
N14 A1JL5 J . 4.66 14.82 -11.07
N17 A1JL5 J . 2.23 14.88 -12.61
N18 A1JL5 J . 1.45 14.77 -13.75
N22 A1JL5 J . 2.93 13.14 -13.73
O01 A1JL5 J . 6.84 14.60 -11.80
O11 A1JL5 J . 11.61 17.80 -12.31
S20 A1JL5 J . 1.18 13.21 -15.99
#